data_2F5V
#
_entry.id   2F5V
#
_cell.length_a   102.195
_cell.length_b   102.195
_cell.length_c   119.856
_cell.angle_alpha   90.00
_cell.angle_beta   90.00
_cell.angle_gamma   90.00
#
_symmetry.space_group_name_H-M   'P 42 21 2'
#
loop_
_entity.id
_entity.type
_entity.pdbx_description
1 polymer 'Pyranose 2-oxidase'
2 non-polymer beta-D-arabino-hexopyranos-2-ulose
3 non-polymer 'FLAVIN-ADENINE DINUCLEOTIDE'
4 non-polymer 'TETRAETHYLENE GLYCOL'
5 non-polymer DI(HYDROXYETHYL)ETHER
6 water water
#
_entity_poly.entity_id   1
_entity_poly.type   'polypeptide(L)'
_entity_poly.pdbx_seq_one_letter_code
;SLPPLPGPDKKVPGMDIKYDVVIVGSGPIGCTYARELVGAGYKVAMFDIGEIDSGLKIGAHKKNTVEYQKNIDKFVNVIQ
GQLMSVSVPVNTLVVDTLSPTSWQASTFFVRNGSNPEQDPLRNLSGQAVTRVVGGMSTHWTCATPRFDREQRPLLVKDDA
DADDAEWDRLYTKAESYFQTGTDQFKESIRHNLVLNKLAEEYKGQRDFQQIPLAATRRSPTFVEWSSANTVFDLQNRPNT
DAPEERFNLFPAVACERVVRNALNSEIESLHIHDLISGDRFEIKADVYVLTAGAVHNTQLLVNSGFGQLGRPNPTNPPEL
LPSLGSYITEQSLVFCQTVMSTELIDSVKSDMTIRGTPGELTYSVTYTPGASTNKHPDWWNEKVKNHMMQHQEDPLPIPF
EDPEPQVTTLFQPSHPWHTQIHRDAFSYGAVQQSIDSRLIVDWRFFGRTEPKEENKLWFSDKITDAYNMPQPTFDFRFPA
GRTSKEAEDMMTDMCVMSAKIGGFLPGSLPQFMEPGLVLHLGGTHRMGFDEKEDNCCVNTDSRVFGFKNLFLGGCGNIPT
AYGANPTLTAMSLAIKSCEYIKQNFTPSPFTSEAQ
;
_entity_poly.pdbx_strand_id   A
#
# COMPACT_ATOMS: atom_id res chain seq x y z
N MET A 15 -17.79 2.09 26.53
CA MET A 15 -17.84 3.17 25.50
C MET A 15 -18.60 4.40 26.00
N ASP A 16 -18.02 5.59 25.78
CA ASP A 16 -18.67 6.83 26.14
C ASP A 16 -19.49 7.29 24.96
N ILE A 17 -20.37 8.24 25.21
CA ILE A 17 -21.15 8.78 24.13
C ILE A 17 -20.52 10.07 23.57
N LYS A 18 -19.45 10.58 24.22
CA LYS A 18 -18.78 11.87 23.84
C LYS A 18 -17.23 11.83 23.96
N TYR A 19 -16.58 12.16 22.86
CA TYR A 19 -15.11 12.19 22.79
C TYR A 19 -14.71 13.54 22.19
N ASP A 20 -13.41 13.89 22.28
CA ASP A 20 -12.93 15.09 21.59
C ASP A 20 -12.80 14.77 20.10
N VAL A 21 -12.24 13.62 19.80
CA VAL A 21 -11.95 13.20 18.42
C VAL A 21 -12.38 11.77 18.24
N VAL A 22 -13.10 11.52 17.14
CA VAL A 22 -13.40 10.14 16.73
C VAL A 22 -12.71 9.88 15.40
N ILE A 23 -12.07 8.72 15.30
CA ILE A 23 -11.34 8.30 14.12
C ILE A 23 -11.98 7.00 13.63
N VAL A 24 -12.35 7.00 12.34
CA VAL A 24 -12.93 5.80 11.71
C VAL A 24 -11.84 5.13 10.91
N GLY A 25 -11.44 3.93 11.36
CA GLY A 25 -10.36 3.17 10.70
C GLY A 25 -9.09 3.18 11.50
N SER A 26 -8.51 1.97 11.67
CA SER A 26 -7.27 1.80 12.44
C SER A 26 -6.07 1.38 11.56
N GLY A 27 -6.12 1.73 10.27
CA GLY A 27 -4.97 1.58 9.42
C GLY A 27 -3.89 2.57 9.80
N PRO A 28 -2.81 2.60 9.02
CA PRO A 28 -1.67 3.46 9.36
C PRO A 28 -2.04 4.94 9.33
N ILE A 29 -3.05 5.31 8.54
CA ILE A 29 -3.43 6.72 8.45
C ILE A 29 -4.28 7.13 9.66
N GLY A 30 -5.29 6.32 10.02
CA GLY A 30 -5.98 6.54 11.27
C GLY A 30 -5.03 6.57 12.45
N CYS A 31 -4.02 5.68 12.47
CA CYS A 31 -3.04 5.68 13.55
C CYS A 31 -2.12 6.87 13.57
N THR A 32 -1.95 7.52 12.42
CA THR A 32 -1.21 8.79 12.37
C THR A 32 -2.00 9.87 13.16
N TYR A 33 -3.29 9.98 12.88
CA TYR A 33 -4.15 10.84 13.67
C TYR A 33 -4.14 10.46 15.14
N ALA A 34 -4.15 9.18 15.45
CA ALA A 34 -4.12 8.80 16.89
C ALA A 34 -2.79 9.20 17.54
N ARG A 35 -1.69 8.93 16.86
CA ARG A 35 -0.39 9.25 17.44
C ARG A 35 -0.29 10.74 17.74
N GLU A 36 -0.67 11.55 16.77
CA GLU A 36 -0.57 13.01 16.92
C GLU A 36 -1.55 13.54 17.96
N LEU A 37 -2.80 13.09 17.93
CA LEU A 37 -3.82 13.71 18.76
C LEU A 37 -3.91 13.12 20.17
N VAL A 38 -3.68 11.82 20.31
CA VAL A 38 -3.59 11.25 21.66
C VAL A 38 -2.40 11.91 22.36
N GLY A 39 -1.28 12.04 21.66
CA GLY A 39 -0.08 12.68 22.23
C GLY A 39 -0.30 14.12 22.68
N ALA A 40 -1.15 14.83 21.95
CA ALA A 40 -1.45 16.24 22.22
C ALA A 40 -2.52 16.45 23.30
N GLY A 41 -3.06 15.37 23.84
CA GLY A 41 -3.94 15.38 25.01
C GLY A 41 -5.42 15.28 24.72
N TYR A 42 -5.80 15.00 23.46
CA TYR A 42 -7.22 14.83 23.14
C TYR A 42 -7.79 13.52 23.67
N LYS A 43 -9.07 13.56 24.01
CA LYS A 43 -9.80 12.34 24.34
C LYS A 43 -10.26 11.68 23.03
N VAL A 44 -9.59 10.60 22.66
CA VAL A 44 -9.78 9.99 21.35
C VAL A 44 -10.47 8.62 21.42
N ALA A 45 -11.43 8.41 20.51
CA ALA A 45 -11.97 7.08 20.24
C ALA A 45 -11.69 6.71 18.81
N MET A 46 -11.38 5.43 18.57
CA MET A 46 -11.16 4.91 17.23
C MET A 46 -12.02 3.68 17.06
N PHE A 47 -12.69 3.59 15.91
CA PHE A 47 -13.55 2.48 15.57
C PHE A 47 -12.96 1.75 14.38
N ASP A 48 -13.03 0.42 14.38
CA ASP A 48 -12.69 -0.33 13.18
C ASP A 48 -13.75 -1.41 13.02
N ILE A 49 -14.18 -1.60 11.78
CA ILE A 49 -15.12 -2.66 11.42
C ILE A 49 -14.57 -4.06 11.61
N GLY A 50 -13.25 -4.14 11.51
CA GLY A 50 -12.55 -5.39 11.68
C GLY A 50 -12.07 -5.60 13.10
N GLU A 51 -11.39 -6.72 13.31
CA GLU A 51 -11.04 -7.19 14.65
C GLU A 51 -9.54 -7.31 14.87
N ILE A 52 -9.21 -7.42 16.14
CA ILE A 52 -7.82 -7.59 16.55
C ILE A 52 -7.38 -8.94 16.10
N ASP A 53 -6.38 -8.83 15.21
CA ASP A 53 -5.76 -9.91 14.58
C ASP A 53 -4.40 -10.23 15.14
N SER A 54 -3.44 -9.36 14.93
CA SER A 54 -2.00 -9.65 14.81
C SER A 54 -1.21 -10.20 16.02
N GLY A 55 -1.84 -10.74 17.06
CA GLY A 55 -1.13 -11.15 18.27
C GLY A 55 -1.30 -10.03 19.29
N LEU A 56 -0.41 -9.98 20.28
CA LEU A 56 -0.63 -9.02 21.35
C LEU A 56 -0.18 -7.61 20.99
N LYS A 57 0.61 -7.48 19.94
CA LYS A 57 0.93 -6.13 19.42
C LYS A 57 -0.20 -5.77 18.46
N ILE A 58 -1.10 -4.89 18.89
CA ILE A 58 -2.33 -4.65 18.18
C ILE A 58 -2.03 -3.93 16.87
N GLY A 59 -2.61 -4.42 15.77
CA GLY A 59 -2.39 -3.81 14.47
C GLY A 59 -1.01 -3.96 13.88
N ALA A 60 -0.23 -4.93 14.38
CA ALA A 60 1.13 -5.14 13.88
C ALA A 60 1.22 -5.93 12.57
N HIS A 61 2.41 -5.99 11.98
CA HIS A 61 2.60 -6.70 10.74
C HIS A 61 2.58 -8.21 10.97
N LYS A 62 1.69 -8.88 10.23
CA LYS A 62 1.53 -10.33 10.40
C LYS A 62 2.73 -11.12 9.89
N LYS A 63 3.62 -10.50 9.13
CA LYS A 63 4.84 -11.16 8.65
C LYS A 63 5.92 -11.20 9.72
N ASN A 64 5.70 -10.56 10.88
CA ASN A 64 6.68 -10.49 11.94
C ASN A 64 6.55 -11.69 12.88
N THR A 65 6.30 -12.85 12.34
CA THR A 65 6.46 -14.07 13.17
C THR A 65 7.71 -14.78 12.72
N VAL A 66 8.35 -15.50 13.64
CA VAL A 66 9.53 -16.27 13.31
C VAL A 66 9.18 -17.26 12.21
N GLU A 67 7.99 -17.87 12.32
CA GLU A 67 7.58 -18.86 11.38
C GLU A 67 7.43 -18.30 9.97
N TYR A 68 6.85 -17.10 9.79
CA TYR A 68 6.74 -16.56 8.42
C TYR A 68 8.06 -16.25 7.83
N GLN A 69 8.99 -15.73 8.63
CA GLN A 69 10.29 -15.36 8.07
C GLN A 69 11.18 -16.55 7.80
N LYS A 70 10.78 -17.72 8.31
CA LYS A 70 11.39 -19.02 7.93
C LYS A 70 10.64 -19.71 6.79
N ASN A 71 9.46 -19.18 6.43
CA ASN A 71 8.58 -19.78 5.44
C ASN A 71 7.93 -18.67 4.61
N ILE A 72 8.75 -17.81 4.01
CA ILE A 72 8.22 -16.57 3.47
C ILE A 72 7.23 -16.82 2.33
N ASP A 73 7.43 -17.94 1.64
CA ASP A 73 6.55 -18.45 0.58
C ASP A 73 5.09 -18.65 0.99
N LYS A 74 4.83 -18.70 2.29
CA LYS A 74 3.49 -18.95 2.76
C LYS A 74 2.71 -17.66 3.02
N PHE A 75 3.39 -16.53 3.18
CA PHE A 75 2.70 -15.28 3.53
C PHE A 75 1.76 -14.76 2.44
N VAL A 76 2.00 -15.12 1.19
CA VAL A 76 1.03 -14.80 0.11
C VAL A 76 -0.38 -15.17 0.51
N ASN A 77 -0.50 -16.33 1.18
CA ASN A 77 -1.81 -16.83 1.58
C ASN A 77 -2.51 -15.91 2.59
N VAL A 78 -1.72 -15.38 3.51
CA VAL A 78 -2.23 -14.46 4.51
C VAL A 78 -2.79 -13.20 3.80
N ILE A 79 -2.03 -12.68 2.84
CA ILE A 79 -2.48 -11.50 2.07
C ILE A 79 -3.82 -11.84 1.37
N GLN A 80 -3.83 -12.95 0.64
CA GLN A 80 -5.00 -13.32 -0.16
C GLN A 80 -6.21 -13.48 0.78
N GLY A 81 -5.96 -14.04 1.97
CA GLY A 81 -7.04 -14.25 2.93
C GLY A 81 -7.69 -13.01 3.50
N GLN A 82 -7.08 -11.84 3.31
CA GLN A 82 -7.71 -10.61 3.77
C GLN A 82 -7.84 -9.54 2.70
N LEU A 83 -7.91 -9.96 1.44
CA LEU A 83 -8.25 -9.06 0.34
C LEU A 83 -9.59 -9.46 -0.23
N MET A 84 -10.59 -8.70 0.16
CA MET A 84 -11.97 -8.96 -0.23
C MET A 84 -12.31 -8.03 -1.40
N SER A 85 -12.65 -8.62 -2.55
CA SER A 85 -12.87 -7.88 -3.79
C SER A 85 -13.93 -6.82 -3.62
N VAL A 86 -13.68 -5.64 -4.17
CA VAL A 86 -14.62 -4.52 -4.04
C VAL A 86 -15.89 -4.69 -4.90
N SER A 87 -15.73 -5.04 -6.17
CA SER A 87 -16.85 -5.13 -7.10
C SER A 87 -16.62 -6.27 -8.06
N VAL A 88 -17.42 -7.32 -7.96
CA VAL A 88 -17.26 -8.52 -8.79
C VAL A 88 -18.44 -8.54 -9.75
N PRO A 89 -18.20 -8.51 -11.07
CA PRO A 89 -19.32 -8.51 -11.98
C PRO A 89 -20.01 -9.87 -12.02
N VAL A 90 -21.23 -9.87 -12.54
CA VAL A 90 -21.95 -11.12 -12.75
C VAL A 90 -21.14 -12.06 -13.63
N ASN A 91 -21.05 -13.32 -13.23
CA ASN A 91 -20.23 -14.33 -13.88
C ASN A 91 -20.98 -14.90 -15.09
N THR A 92 -20.29 -15.04 -16.22
CA THR A 92 -20.92 -15.54 -17.43
C THR A 92 -20.18 -16.73 -18.02
N LEU A 93 -19.39 -17.40 -17.18
CA LEU A 93 -18.68 -18.65 -17.59
C LEU A 93 -19.71 -19.68 -17.88
N VAL A 94 -19.52 -20.41 -18.98
CA VAL A 94 -20.45 -21.47 -19.36
C VAL A 94 -19.98 -22.81 -18.80
N VAL A 95 -20.77 -23.40 -17.92
CA VAL A 95 -20.48 -24.75 -17.39
C VAL A 95 -21.56 -25.66 -18.00
N ASP A 96 -21.20 -26.38 -19.07
CA ASP A 96 -22.15 -27.22 -19.82
C ASP A 96 -21.89 -28.73 -19.64
N THR A 97 -21.03 -29.08 -18.68
CA THR A 97 -20.74 -30.47 -18.37
C THR A 97 -21.32 -30.87 -17.02
N LEU A 98 -22.33 -30.12 -16.56
CA LEU A 98 -23.11 -30.61 -15.41
C LEU A 98 -23.81 -31.90 -15.79
N SER A 99 -24.11 -32.74 -14.82
CA SER A 99 -24.97 -33.88 -15.04
C SER A 99 -26.37 -33.41 -15.42
N PRO A 100 -27.03 -34.15 -16.34
CA PRO A 100 -28.45 -33.84 -16.60
C PRO A 100 -29.33 -33.75 -15.37
N THR A 101 -29.02 -34.43 -14.27
CA THR A 101 -29.87 -34.32 -13.07
C THR A 101 -29.67 -33.04 -12.29
N SER A 102 -28.52 -32.38 -12.43
CA SER A 102 -28.20 -31.21 -11.63
C SER A 102 -29.03 -30.01 -12.05
N TRP A 103 -29.42 -29.20 -11.06
CA TRP A 103 -30.14 -27.95 -11.36
C TRP A 103 -29.25 -27.04 -12.20
N GLN A 104 -29.78 -26.53 -13.32
CA GLN A 104 -28.94 -25.82 -14.35
C GLN A 104 -29.60 -24.52 -14.64
N ALA A 105 -28.77 -23.46 -14.66
CA ALA A 105 -29.31 -22.14 -14.82
C ALA A 105 -29.84 -21.90 -16.20
N SER A 106 -30.90 -21.07 -16.34
CA SER A 106 -31.38 -20.59 -17.69
C SER A 106 -30.84 -19.25 -18.06
N THR A 107 -30.31 -18.51 -17.08
CA THR A 107 -29.71 -17.22 -17.35
C THR A 107 -28.47 -17.05 -16.45
N PHE A 108 -27.68 -16.02 -16.75
CA PHE A 108 -26.57 -15.63 -15.89
C PHE A 108 -27.03 -14.67 -14.83
N PHE A 109 -27.71 -15.23 -13.84
CA PHE A 109 -28.34 -14.47 -12.78
C PHE A 109 -27.35 -14.03 -11.74
N VAL A 110 -27.77 -13.12 -10.87
CA VAL A 110 -26.84 -12.62 -9.85
C VAL A 110 -26.55 -13.72 -8.81
N ARG A 111 -25.30 -14.13 -8.72
CA ARG A 111 -24.88 -15.27 -7.89
C ARG A 111 -23.69 -14.81 -7.04
N ASN A 112 -23.55 -15.40 -5.86
CA ASN A 112 -22.27 -15.45 -5.16
C ASN A 112 -21.59 -14.09 -4.91
N GLY A 113 -22.39 -13.14 -4.51
CA GLY A 113 -21.91 -11.80 -4.12
C GLY A 113 -21.64 -10.83 -5.27
N SER A 114 -21.94 -11.24 -6.49
CA SER A 114 -21.67 -10.40 -7.65
C SER A 114 -22.52 -9.14 -7.62
N ASN A 115 -21.99 -8.11 -8.27
CA ASN A 115 -22.59 -6.78 -8.35
C ASN A 115 -23.19 -6.56 -9.73
N PRO A 116 -24.53 -6.61 -9.87
CA PRO A 116 -25.13 -6.48 -11.18
C PRO A 116 -25.01 -5.08 -11.76
N GLU A 117 -24.57 -4.08 -10.97
CA GLU A 117 -24.35 -2.75 -11.50
C GLU A 117 -23.07 -2.65 -12.32
N GLN A 118 -22.15 -3.59 -12.10
CA GLN A 118 -20.77 -3.49 -12.60
C GLN A 118 -20.62 -3.95 -14.05
N ASP A 119 -20.16 -3.04 -14.90
CA ASP A 119 -19.72 -3.41 -16.23
C ASP A 119 -18.38 -4.10 -16.07
N PRO A 120 -18.27 -5.39 -16.48
CA PRO A 120 -17.01 -6.10 -16.29
C PRO A 120 -15.86 -5.52 -17.09
N LEU A 121 -16.18 -4.74 -18.13
CA LEU A 121 -15.20 -4.14 -19.00
C LEU A 121 -14.73 -2.73 -18.60
N ARG A 122 -15.31 -2.20 -17.52
CA ARG A 122 -14.94 -0.87 -16.97
C ARG A 122 -14.71 -0.92 -15.46
N ASN A 123 -14.03 -1.98 -15.02
CA ASN A 123 -13.88 -2.27 -13.62
C ASN A 123 -12.43 -2.08 -13.18
N LEU A 124 -12.26 -2.04 -11.87
CA LEU A 124 -10.97 -2.32 -11.25
C LEU A 124 -11.14 -3.67 -10.58
N SER A 125 -11.07 -4.76 -11.37
CA SER A 125 -11.44 -6.08 -10.82
C SER A 125 -10.52 -6.52 -9.66
N GLY A 126 -9.29 -6.01 -9.69
CA GLY A 126 -8.34 -6.40 -8.66
C GLY A 126 -8.46 -5.61 -7.37
N GLN A 127 -9.24 -4.53 -7.38
CA GLN A 127 -9.41 -3.75 -6.20
C GLN A 127 -10.04 -4.61 -5.11
N ALA A 128 -9.50 -4.46 -3.90
CA ALA A 128 -9.94 -5.19 -2.72
C ALA A 128 -9.72 -4.36 -1.48
N VAL A 129 -10.40 -4.77 -0.39
CA VAL A 129 -10.29 -4.08 0.87
C VAL A 129 -9.97 -5.12 1.97
N THR A 130 -9.37 -4.62 3.04
CA THR A 130 -8.95 -5.40 4.19
C THR A 130 -9.59 -4.87 5.44
N ARG A 131 -10.37 -5.72 6.14
CA ARG A 131 -11.12 -5.29 7.32
C ARG A 131 -10.57 -6.06 8.53
N VAL A 132 -9.49 -5.54 9.09
CA VAL A 132 -8.80 -6.07 10.29
C VAL A 132 -8.17 -4.87 11.01
N VAL A 133 -7.97 -4.93 12.32
CA VAL A 133 -7.33 -3.81 12.99
C VAL A 133 -5.91 -3.66 12.42
N GLY A 134 -5.56 -2.41 12.08
CA GLY A 134 -4.32 -2.11 11.39
C GLY A 134 -4.45 -2.05 9.88
N GLY A 135 -5.60 -2.45 9.36
CA GLY A 135 -5.86 -2.34 7.93
C GLY A 135 -4.88 -3.09 7.09
N MET A 136 -4.56 -2.56 5.93
CA MET A 136 -3.65 -3.22 5.01
C MET A 136 -2.22 -3.19 5.50
N SER A 137 -1.93 -2.38 6.52
CA SER A 137 -0.56 -2.33 7.06
C SER A 137 -0.19 -3.59 7.86
N THR A 138 -1.17 -4.48 8.05
CA THR A 138 -0.87 -5.77 8.66
C THR A 138 -0.27 -6.73 7.64
N HIS A 139 -0.29 -6.39 6.35
CA HIS A 139 0.29 -7.27 5.34
C HIS A 139 1.17 -6.63 4.26
N TRP A 140 1.22 -5.29 4.22
CA TRP A 140 1.86 -4.55 3.12
C TRP A 140 3.37 -4.80 2.97
N THR A 141 3.91 -4.33 1.85
CA THR A 141 5.30 -4.55 1.48
C THR A 141 6.26 -3.52 2.13
N CYS A 142 5.72 -2.46 2.71
CA CYS A 142 6.46 -1.48 3.49
C CYS A 142 7.36 -0.53 2.66
N ALA A 143 7.12 -0.44 1.35
CA ALA A 143 7.85 0.51 0.51
C ALA A 143 7.31 1.92 0.74
N THR A 144 8.17 2.83 1.19
CA THR A 144 7.76 4.21 1.50
C THR A 144 8.64 5.26 0.84
N PRO A 145 8.59 5.36 -0.49
CA PRO A 145 9.30 6.43 -1.18
C PRO A 145 8.55 7.75 -1.04
N ARG A 146 9.31 8.83 -1.10
CA ARG A 146 8.76 10.16 -1.27
C ARG A 146 8.34 10.37 -2.71
N PHE A 147 7.40 11.29 -2.96
CA PHE A 147 7.09 11.75 -4.29
C PHE A 147 7.94 13.00 -4.60
N ASP A 148 8.46 13.03 -5.80
CA ASP A 148 9.07 14.21 -6.35
C ASP A 148 7.98 15.20 -6.75
N ARG A 149 8.39 16.42 -7.09
CA ARG A 149 7.40 17.45 -7.40
C ARG A 149 6.38 17.01 -8.45
N GLU A 150 6.85 16.33 -9.49
CA GLU A 150 6.00 15.98 -10.62
C GLU A 150 4.79 15.14 -10.21
N GLN A 151 4.93 14.34 -9.16
CA GLN A 151 3.88 13.44 -8.69
C GLN A 151 3.03 13.96 -7.55
N ARG A 152 3.42 15.12 -7.01
CA ARG A 152 3.00 15.53 -5.67
C ARG A 152 2.01 16.73 -5.71
N PRO A 153 0.94 16.71 -4.89
CA PRO A 153 0.12 17.90 -4.88
C PRO A 153 0.83 19.04 -4.18
N LEU A 154 0.46 20.25 -4.54
CA LEU A 154 0.97 21.44 -3.89
C LEU A 154 0.35 21.64 -2.54
N LEU A 155 1.19 22.01 -1.57
CA LEU A 155 0.71 22.47 -0.28
C LEU A 155 0.83 23.98 -0.16
N VAL A 156 1.73 24.57 -0.95
CA VAL A 156 1.90 26.02 -1.04
C VAL A 156 1.75 26.34 -2.51
N LYS A 157 0.93 27.34 -2.84
CA LYS A 157 0.51 27.52 -4.23
C LYS A 157 1.53 28.07 -5.19
N ASP A 158 2.28 29.11 -4.81
CA ASP A 158 3.12 29.82 -5.79
C ASP A 158 4.52 30.10 -5.24
N ASP A 159 5.11 29.09 -4.63
CA ASP A 159 6.44 29.21 -4.08
C ASP A 159 7.00 27.79 -3.95
N ALA A 160 7.70 27.34 -4.97
CA ALA A 160 8.15 25.95 -5.01
C ALA A 160 9.12 25.61 -3.89
N ASP A 161 9.95 26.57 -3.49
CA ASP A 161 10.86 26.33 -2.39
C ASP A 161 10.11 26.12 -1.07
N ALA A 162 9.11 26.96 -0.81
CA ALA A 162 8.28 26.79 0.40
C ALA A 162 7.54 25.47 0.34
N ASP A 163 6.99 25.13 -0.83
CA ASP A 163 6.31 23.83 -0.97
C ASP A 163 7.28 22.70 -0.67
N ASP A 164 8.49 22.74 -1.27
CA ASP A 164 9.50 21.74 -1.01
C ASP A 164 9.79 21.63 0.49
N ALA A 165 9.95 22.76 1.17
CA ALA A 165 10.32 22.74 2.60
C ALA A 165 9.22 22.14 3.45
N GLU A 166 7.97 22.42 3.09
CA GLU A 166 6.82 21.86 3.83
C GLU A 166 6.79 20.35 3.65
N TRP A 167 6.91 19.89 2.42
CA TRP A 167 6.93 18.44 2.18
C TRP A 167 8.12 17.77 2.84
N ASP A 168 9.30 18.39 2.78
CA ASP A 168 10.48 17.77 3.44
C ASP A 168 10.20 17.57 4.94
N ARG A 169 9.63 18.59 5.59
CA ARG A 169 9.36 18.49 7.01
C ARG A 169 8.37 17.37 7.32
N LEU A 170 7.28 17.34 6.56
CA LEU A 170 6.25 16.32 6.79
C LEU A 170 6.75 14.92 6.48
N TYR A 171 7.43 14.74 5.33
CA TYR A 171 7.98 13.43 4.99
C TYR A 171 8.98 12.96 6.01
N THR A 172 9.80 13.87 6.54
CA THR A 172 10.82 13.44 7.53
C THR A 172 10.09 12.93 8.77
N LYS A 173 9.02 13.60 9.19
CA LYS A 173 8.29 13.11 10.37
C LYS A 173 7.59 11.76 10.10
N ALA A 174 6.99 11.67 8.92
CA ALA A 174 6.33 10.41 8.53
C ALA A 174 7.30 9.23 8.49
N GLU A 175 8.49 9.49 7.95
CA GLU A 175 9.57 8.49 7.93
C GLU A 175 9.96 8.04 9.32
N SER A 176 9.98 8.98 10.27
CA SER A 176 10.22 8.62 11.66
C SER A 176 9.08 7.74 12.22
N TYR A 177 7.84 8.12 11.96
CA TYR A 177 6.70 7.32 12.43
C TYR A 177 6.74 5.88 11.91
N PHE A 178 7.06 5.73 10.63
CA PHE A 178 7.14 4.43 9.99
C PHE A 178 8.47 3.69 10.21
N GLN A 179 9.47 4.38 10.76
CA GLN A 179 10.84 3.82 10.84
C GLN A 179 11.40 3.40 9.47
N THR A 180 11.20 4.28 8.51
CA THR A 180 11.74 4.13 7.17
C THR A 180 13.26 4.19 7.20
N GLY A 181 13.88 3.29 6.44
CA GLY A 181 15.32 3.30 6.26
C GLY A 181 15.72 2.74 4.92
N THR A 182 16.99 2.94 4.56
CA THR A 182 17.52 2.45 3.30
C THR A 182 18.77 1.61 3.42
N ASP A 183 18.95 1.04 4.61
CA ASP A 183 20.18 0.33 4.98
C ASP A 183 20.00 -1.11 5.33
N GLN A 184 18.77 -1.60 5.40
CA GLN A 184 18.50 -2.89 6.03
C GLN A 184 18.97 -4.08 5.17
N PHE A 185 19.25 -3.85 3.89
CA PHE A 185 19.64 -4.93 2.95
C PHE A 185 21.05 -4.76 2.39
N LYS A 186 21.85 -3.91 3.04
CA LYS A 186 23.16 -3.57 2.51
C LYS A 186 24.12 -4.75 2.44
N GLU A 187 23.93 -5.79 3.27
CA GLU A 187 24.87 -6.93 3.26
C GLU A 187 24.36 -8.14 2.48
N SER A 188 23.32 -7.94 1.67
CA SER A 188 22.82 -9.00 0.80
C SER A 188 23.64 -9.11 -0.47
N ILE A 189 24.12 -10.29 -0.77
CA ILE A 189 24.83 -10.54 -2.01
C ILE A 189 23.89 -10.36 -3.19
N ARG A 190 22.70 -10.92 -3.11
CA ARG A 190 21.72 -10.78 -4.22
C ARG A 190 21.33 -9.32 -4.47
N HIS A 191 21.08 -8.59 -3.40
CA HIS A 191 20.78 -7.15 -3.52
C HIS A 191 21.89 -6.42 -4.26
N ASN A 192 23.13 -6.67 -3.84
CA ASN A 192 24.29 -6.06 -4.47
C ASN A 192 24.47 -6.43 -5.91
N LEU A 193 24.34 -7.69 -6.19
CA LEU A 193 24.50 -8.20 -7.53
C LEU A 193 23.59 -7.45 -8.50
N VAL A 194 22.34 -7.30 -8.10
CA VAL A 194 21.36 -6.63 -8.97
C VAL A 194 21.63 -5.14 -9.05
N LEU A 195 21.75 -4.51 -7.89
CA LEU A 195 21.92 -3.07 -7.85
C LEU A 195 23.18 -2.65 -8.57
N ASN A 196 24.29 -3.31 -8.28
CA ASN A 196 25.55 -2.94 -8.90
C ASN A 196 25.52 -3.04 -10.44
N LYS A 197 24.87 -4.05 -10.96
CA LYS A 197 24.78 -4.24 -12.39
C LYS A 197 23.97 -3.14 -13.03
N LEU A 198 22.80 -2.89 -12.48
CA LEU A 198 21.94 -1.84 -13.04
C LEU A 198 22.62 -0.48 -12.92
N ALA A 199 23.25 -0.20 -11.79
CA ALA A 199 23.92 1.09 -11.61
C ALA A 199 24.94 1.33 -12.70
N GLU A 200 25.70 0.30 -13.03
CA GLU A 200 26.77 0.43 -14.04
C GLU A 200 26.20 0.55 -15.45
N GLU A 201 25.07 -0.12 -15.72
CA GLU A 201 24.49 -0.11 -17.06
C GLU A 201 23.74 1.15 -17.46
N TYR A 202 23.34 1.98 -16.52
CA TYR A 202 22.57 3.17 -16.91
C TYR A 202 23.33 4.50 -17.13
N LYS A 203 24.67 4.38 -17.09
CA LYS A 203 25.62 5.37 -17.59
C LYS A 203 25.35 6.71 -16.91
N GLY A 204 25.06 6.56 -15.63
CA GLY A 204 24.96 7.67 -14.74
C GLY A 204 23.63 8.39 -14.77
N GLN A 205 22.76 8.01 -15.72
CA GLN A 205 21.52 8.76 -15.95
C GLN A 205 20.29 8.26 -15.25
N ARG A 206 20.37 7.06 -14.68
CA ARG A 206 19.35 6.62 -13.73
C ARG A 206 20.08 6.08 -12.51
N ASP A 207 19.69 6.56 -11.33
CA ASP A 207 20.29 6.13 -10.09
C ASP A 207 19.52 4.99 -9.46
N PHE A 208 20.26 4.02 -8.92
CA PHE A 208 19.69 2.88 -8.21
C PHE A 208 20.09 2.96 -6.74
N GLN A 209 19.10 2.68 -5.89
CA GLN A 209 19.29 2.69 -4.44
C GLN A 209 18.42 1.59 -3.85
N GLN A 210 18.55 1.37 -2.54
CA GLN A 210 17.60 0.49 -1.86
C GLN A 210 16.21 1.14 -1.85
N ILE A 211 15.20 0.32 -2.06
CA ILE A 211 13.84 0.74 -1.82
C ILE A 211 13.81 1.29 -0.39
N PRO A 212 13.26 2.51 -0.19
CA PRO A 212 13.01 2.91 1.19
C PRO A 212 11.96 2.04 1.83
N LEU A 213 12.30 1.40 2.95
CA LEU A 213 11.44 0.42 3.59
C LEU A 213 11.15 0.79 5.03
N ALA A 214 9.88 0.70 5.42
CA ALA A 214 9.46 0.91 6.80
C ALA A 214 9.68 -0.43 7.54
N ALA A 215 10.83 -0.52 8.20
CA ALA A 215 11.33 -1.77 8.73
C ALA A 215 12.62 -1.56 9.52
N THR A 216 12.84 -2.42 10.51
CA THR A 216 14.07 -2.40 11.29
C THR A 216 14.59 -3.80 11.33
N ARG A 217 15.85 -4.00 10.91
CA ARG A 217 16.44 -5.34 10.96
C ARG A 217 16.77 -5.66 12.40
N ARG A 218 16.41 -6.86 12.83
CA ARG A 218 16.77 -7.33 14.17
C ARG A 218 17.92 -8.34 14.18
N SER A 219 18.10 -9.08 13.08
CA SER A 219 19.18 -10.06 12.96
C SER A 219 19.40 -10.31 11.48
N PRO A 220 20.43 -11.09 11.11
CA PRO A 220 20.64 -11.36 9.69
C PRO A 220 19.49 -12.12 9.00
N THR A 221 18.62 -12.76 9.76
CA THR A 221 17.48 -13.49 9.19
C THR A 221 16.10 -13.04 9.72
N PHE A 222 16.03 -11.86 10.35
CA PHE A 222 14.73 -11.35 10.81
C PHE A 222 14.66 -9.85 10.68
N VAL A 223 13.59 -9.40 10.05
CA VAL A 223 13.31 -8.00 9.86
C VAL A 223 11.97 -7.71 10.51
N GLU A 224 11.92 -6.67 11.35
CA GLU A 224 10.69 -6.26 11.98
C GLU A 224 10.06 -5.22 11.05
N TRP A 225 9.11 -5.68 10.24
CA TRP A 225 8.38 -4.82 9.31
C TRP A 225 7.46 -3.89 10.05
N SER A 226 7.38 -2.63 9.60
CA SER A 226 6.51 -1.66 10.26
C SER A 226 5.06 -1.80 9.84
N SER A 227 4.21 -1.15 10.61
CA SER A 227 2.76 -1.26 10.44
C SER A 227 2.10 -0.11 11.17
N ALA A 228 0.77 -0.16 11.20
CA ALA A 228 0.00 0.73 12.06
C ALA A 228 0.49 0.75 13.50
N ASN A 229 0.79 -0.44 14.04
CA ASN A 229 1.31 -0.58 15.41
C ASN A 229 2.60 0.21 15.65
N THR A 230 3.47 0.26 14.65
CA THR A 230 4.68 1.08 14.72
C THR A 230 4.35 2.54 14.96
N VAL A 231 3.33 3.01 14.24
CA VAL A 231 2.90 4.40 14.29
C VAL A 231 2.24 4.70 15.64
N PHE A 232 1.35 3.81 16.07
CA PHE A 232 0.65 3.99 17.33
C PHE A 232 0.30 2.61 17.84
N ASP A 233 0.60 2.29 19.10
CA ASP A 233 0.48 0.92 19.56
C ASP A 233 -0.94 0.41 19.82
N LEU A 234 -1.91 1.33 19.71
CA LEU A 234 -3.32 0.97 19.80
C LEU A 234 -3.80 0.42 21.14
N GLN A 235 -2.95 0.51 22.17
CA GLN A 235 -3.37 0.14 23.54
C GLN A 235 -4.28 1.21 24.13
N ASN A 236 -5.29 0.81 24.89
CA ASN A 236 -6.15 1.79 25.52
C ASN A 236 -5.35 2.58 26.56
N ARG A 237 -5.68 3.85 26.65
CA ARG A 237 -5.06 4.78 27.58
C ARG A 237 -6.17 5.51 28.33
N PRO A 238 -5.93 5.92 29.59
CA PRO A 238 -4.66 5.86 30.30
C PRO A 238 -4.16 4.47 30.61
N ASN A 239 -2.85 4.35 30.63
CA ASN A 239 -2.20 3.12 31.06
C ASN A 239 -0.89 3.50 31.75
N THR A 240 -0.19 2.50 32.27
CA THR A 240 1.00 2.79 33.08
C THR A 240 2.04 3.62 32.36
N ASP A 241 2.26 3.33 31.07
CA ASP A 241 3.26 4.06 30.27
C ASP A 241 2.79 5.43 29.79
N ALA A 242 1.47 5.64 29.76
CA ALA A 242 0.91 6.92 29.34
C ALA A 242 -0.31 7.24 30.23
N PRO A 243 -0.06 7.60 31.51
CA PRO A 243 -1.13 7.79 32.48
C PRO A 243 -2.00 9.02 32.25
N GLU A 244 -1.56 9.94 31.40
CA GLU A 244 -2.36 11.15 31.17
C GLU A 244 -2.92 11.21 29.75
N GLU A 245 -2.79 10.11 29.01
CA GLU A 245 -3.39 10.01 27.67
C GLU A 245 -4.75 9.30 27.73
N ARG A 246 -5.57 9.54 26.73
CA ARG A 246 -6.94 9.02 26.69
C ARG A 246 -7.21 8.52 25.26
N PHE A 247 -7.35 7.19 25.16
CA PHE A 247 -7.55 6.53 23.88
C PHE A 247 -8.31 5.22 24.11
N ASN A 248 -9.35 5.01 23.30
CA ASN A 248 -10.06 3.74 23.27
C ASN A 248 -10.22 3.27 21.86
N LEU A 249 -9.87 2.02 21.61
CA LEU A 249 -10.12 1.35 20.34
C LEU A 249 -11.33 0.41 20.50
N PHE A 250 -12.23 0.45 19.53
CA PHE A 250 -13.44 -0.32 19.48
C PHE A 250 -13.47 -1.12 18.16
N PRO A 251 -12.99 -2.36 18.20
CA PRO A 251 -13.04 -3.23 17.01
C PRO A 251 -14.43 -3.77 16.80
N ALA A 252 -14.66 -4.38 15.64
CA ALA A 252 -15.95 -4.93 15.28
C ALA A 252 -17.08 -3.91 15.39
N VAL A 253 -16.78 -2.69 14.98
CA VAL A 253 -17.80 -1.63 14.91
C VAL A 253 -17.81 -1.03 13.52
N ALA A 254 -18.91 -1.26 12.80
CA ALA A 254 -19.13 -0.71 11.48
C ALA A 254 -19.61 0.72 11.64
N CYS A 255 -18.90 1.66 11.07
CA CYS A 255 -19.32 3.06 11.08
C CYS A 255 -20.13 3.27 9.81
N GLU A 256 -21.36 3.80 9.95
CA GLU A 256 -22.30 3.80 8.85
C GLU A 256 -22.64 5.18 8.29
N ARG A 257 -22.67 6.21 9.13
CA ARG A 257 -23.20 7.54 8.66
C ARG A 257 -22.63 8.62 9.56
N VAL A 258 -22.17 9.74 9.00
CA VAL A 258 -21.95 10.95 9.79
C VAL A 258 -23.21 11.83 9.58
N VAL A 259 -23.64 12.51 10.64
CA VAL A 259 -24.87 13.30 10.55
C VAL A 259 -24.54 14.76 10.31
N ARG A 260 -24.93 15.27 9.14
CA ARG A 260 -24.70 16.65 8.78
C ARG A 260 -25.78 17.53 9.39
N ASN A 261 -25.41 18.75 9.77
CA ASN A 261 -26.39 19.78 10.07
C ASN A 261 -26.99 20.29 8.74
N ALA A 262 -27.93 21.19 8.86
CA ALA A 262 -28.67 21.67 7.68
C ALA A 262 -27.79 22.48 6.73
N LEU A 263 -26.82 23.16 7.31
CA LEU A 263 -26.00 24.10 6.55
C LEU A 263 -24.83 23.41 5.89
N ASN A 264 -24.62 22.14 6.21
CA ASN A 264 -23.44 21.39 5.76
C ASN A 264 -22.20 22.13 6.22
N SER A 265 -22.23 22.58 7.47
CA SER A 265 -21.09 23.22 8.12
C SER A 265 -20.54 22.47 9.33
N GLU A 266 -21.26 21.46 9.81
CA GLU A 266 -20.77 20.68 10.93
C GLU A 266 -21.33 19.28 10.87
N ILE A 267 -20.55 18.32 11.40
CA ILE A 267 -21.02 16.98 11.66
C ILE A 267 -21.45 16.93 13.12
N GLU A 268 -22.63 16.36 13.35
CA GLU A 268 -23.23 16.37 14.68
C GLU A 268 -23.18 15.05 15.41
N SER A 269 -22.90 13.97 14.69
CA SER A 269 -22.91 12.62 15.28
C SER A 269 -22.34 11.63 14.29
N LEU A 270 -21.87 10.50 14.82
CA LEU A 270 -21.50 9.32 14.01
C LEU A 270 -22.40 8.14 14.38
N HIS A 271 -23.09 7.56 13.41
CA HIS A 271 -23.84 6.32 13.63
C HIS A 271 -22.94 5.11 13.47
N ILE A 272 -22.91 4.26 14.48
CA ILE A 272 -22.15 3.03 14.50
C ILE A 272 -23.04 1.81 14.69
N HIS A 273 -22.55 0.66 14.24
CA HIS A 273 -23.24 -0.64 14.42
C HIS A 273 -22.25 -1.61 15.07
N ASP A 274 -22.49 -1.96 16.33
CA ASP A 274 -21.70 -2.95 17.03
C ASP A 274 -22.00 -4.31 16.43
N LEU A 275 -21.02 -4.92 15.78
CA LEU A 275 -21.24 -6.20 15.05
C LEU A 275 -21.35 -7.43 15.94
N ILE A 276 -20.94 -7.30 17.19
CA ILE A 276 -21.02 -8.44 18.16
C ILE A 276 -22.42 -8.45 18.76
N SER A 277 -22.86 -7.32 19.31
CA SER A 277 -24.20 -7.28 19.95
C SER A 277 -25.30 -7.10 18.93
N GLY A 278 -24.97 -6.48 17.80
CA GLY A 278 -25.96 -6.15 16.77
C GLY A 278 -26.59 -4.77 16.97
N ASP A 279 -26.31 -4.15 18.12
CA ASP A 279 -26.94 -2.89 18.46
C ASP A 279 -26.31 -1.71 17.75
N ARG A 280 -27.11 -0.66 17.54
CA ARG A 280 -26.66 0.55 16.89
C ARG A 280 -26.65 1.68 17.90
N PHE A 281 -25.67 2.57 17.74
CA PHE A 281 -25.46 3.70 18.65
C PHE A 281 -25.06 4.95 17.87
N GLU A 282 -25.08 6.08 18.55
CA GLU A 282 -24.55 7.33 17.99
C GLU A 282 -23.50 7.88 18.94
N ILE A 283 -22.40 8.33 18.37
CA ILE A 283 -21.25 8.83 19.11
C ILE A 283 -21.04 10.31 18.78
N LYS A 284 -20.94 11.13 19.82
CA LYS A 284 -20.66 12.55 19.64
C LYS A 284 -19.14 12.83 19.78
N ALA A 285 -18.64 13.70 18.92
CA ALA A 285 -17.26 14.19 19.02
C ALA A 285 -17.19 15.63 18.61
N ASP A 286 -16.14 16.32 19.02
CA ASP A 286 -15.86 17.66 18.48
C ASP A 286 -15.34 17.58 17.06
N VAL A 287 -14.54 16.55 16.78
CA VAL A 287 -13.80 16.41 15.52
C VAL A 287 -14.00 14.97 15.02
N TYR A 288 -14.36 14.83 13.76
CA TYR A 288 -14.53 13.54 13.10
C TYR A 288 -13.51 13.37 12.01
N VAL A 289 -12.81 12.24 12.07
CA VAL A 289 -11.76 11.92 11.13
C VAL A 289 -12.11 10.59 10.46
N LEU A 290 -12.19 10.59 9.13
CA LEU A 290 -12.50 9.37 8.35
C LEU A 290 -11.24 8.87 7.68
N THR A 291 -10.76 7.73 8.14
CA THR A 291 -9.59 7.06 7.61
C THR A 291 -9.91 5.57 7.36
N ALA A 292 -11.01 5.34 6.62
CA ALA A 292 -11.49 4.00 6.33
C ALA A 292 -11.02 3.42 5.01
N GLY A 293 -10.04 4.08 4.36
CA GLY A 293 -9.57 3.64 3.05
C GLY A 293 -10.20 4.45 1.94
N ALA A 294 -9.55 4.42 0.77
CA ALA A 294 -10.04 5.22 -0.36
C ALA A 294 -11.43 4.80 -0.82
N VAL A 295 -11.76 3.50 -0.74
CA VAL A 295 -13.13 3.07 -1.10
C VAL A 295 -14.12 3.40 0.00
N HIS A 296 -13.80 2.97 1.21
CA HIS A 296 -14.79 3.06 2.28
C HIS A 296 -14.99 4.42 2.90
N ASN A 297 -14.00 5.31 2.82
CA ASN A 297 -14.31 6.73 3.11
C ASN A 297 -15.40 7.23 2.19
N THR A 298 -15.24 6.95 0.91
CA THR A 298 -16.20 7.44 -0.07
C THR A 298 -17.59 6.87 0.18
N GLN A 299 -17.63 5.56 0.49
CA GLN A 299 -18.89 4.89 0.79
C GLN A 299 -19.59 5.52 1.98
N LEU A 300 -18.83 5.77 3.04
CA LEU A 300 -19.42 6.34 4.26
C LEU A 300 -19.97 7.74 3.96
N LEU A 301 -19.21 8.52 3.22
CA LEU A 301 -19.69 9.87 2.85
C LEU A 301 -20.97 9.81 1.99
N VAL A 302 -21.00 8.96 0.99
CA VAL A 302 -22.18 8.85 0.13
C VAL A 302 -23.39 8.38 0.94
N ASN A 303 -23.17 7.46 1.88
CA ASN A 303 -24.26 6.98 2.72
C ASN A 303 -24.74 8.06 3.68
N SER A 304 -23.94 9.11 3.84
CA SER A 304 -24.26 10.25 4.69
C SER A 304 -24.83 11.44 3.94
N GLY A 305 -25.05 11.30 2.64
CA GLY A 305 -25.68 12.37 1.85
C GLY A 305 -24.77 13.29 1.06
N PHE A 306 -23.47 12.97 1.03
CA PHE A 306 -22.50 13.68 0.22
C PHE A 306 -22.53 13.10 -1.17
N GLY A 307 -22.18 13.89 -2.17
CA GLY A 307 -22.18 13.36 -3.52
C GLY A 307 -23.55 12.88 -3.91
N GLN A 308 -23.57 11.77 -4.65
CA GLN A 308 -24.74 11.28 -5.32
C GLN A 308 -24.74 9.76 -5.17
N LEU A 309 -25.82 9.25 -4.60
CA LEU A 309 -26.07 7.84 -4.54
C LEU A 309 -26.66 7.36 -5.86
N GLY A 310 -26.27 6.16 -6.27
CA GLY A 310 -26.72 5.57 -7.48
C GLY A 310 -25.90 5.88 -8.70
N ARG A 311 -26.40 5.38 -9.82
CA ARG A 311 -25.73 5.48 -11.09
C ARG A 311 -25.55 6.96 -11.47
N PRO A 312 -24.32 7.37 -11.83
CA PRO A 312 -24.13 8.78 -12.11
C PRO A 312 -25.08 9.32 -13.17
N ASN A 313 -25.55 10.54 -13.00
CA ASN A 313 -26.28 11.14 -14.09
C ASN A 313 -26.01 12.63 -14.09
N PRO A 314 -25.34 13.11 -15.15
CA PRO A 314 -24.93 14.51 -15.23
C PRO A 314 -26.10 15.51 -15.24
N THR A 315 -27.25 15.08 -15.75
CA THR A 315 -28.45 15.94 -15.79
C THR A 315 -28.87 16.41 -14.39
N ASN A 316 -28.50 15.64 -13.37
CA ASN A 316 -28.82 15.96 -12.00
C ASN A 316 -27.57 15.83 -11.14
N PRO A 317 -26.57 16.71 -11.34
CA PRO A 317 -25.31 16.54 -10.65
C PRO A 317 -25.41 17.04 -9.21
N PRO A 318 -24.75 16.36 -8.25
CA PRO A 318 -24.89 16.64 -6.81
C PRO A 318 -24.49 18.04 -6.41
N GLU A 319 -25.21 18.65 -5.47
CA GLU A 319 -24.82 19.95 -4.98
C GLU A 319 -23.77 19.84 -3.85
N LEU A 320 -23.75 18.73 -3.09
CA LEU A 320 -22.81 18.62 -1.99
C LEU A 320 -21.63 17.74 -2.43
N LEU A 321 -20.43 18.31 -2.44
CA LEU A 321 -19.21 17.64 -2.87
C LEU A 321 -19.34 16.96 -4.22
N PRO A 322 -19.59 17.74 -5.27
CA PRO A 322 -19.80 17.13 -6.59
C PRO A 322 -18.61 16.37 -7.17
N SER A 323 -17.39 16.64 -6.69
CA SER A 323 -16.23 15.90 -7.18
C SER A 323 -15.95 14.58 -6.43
N LEU A 324 -16.72 14.29 -5.40
CA LEU A 324 -16.54 13.07 -4.63
C LEU A 324 -16.77 11.86 -5.52
N GLY A 325 -15.80 10.95 -5.54
CA GLY A 325 -15.95 9.75 -6.33
C GLY A 325 -15.64 9.91 -7.81
N SER A 326 -15.22 11.10 -8.24
CA SER A 326 -14.74 11.35 -9.59
C SER A 326 -13.25 11.62 -9.55
N TYR A 327 -12.64 11.55 -10.73
CA TYR A 327 -11.17 11.78 -10.89
C TYR A 327 -10.38 10.68 -10.20
N ILE A 328 -10.97 9.48 -10.09
CA ILE A 328 -10.26 8.44 -9.37
C ILE A 328 -9.06 8.00 -10.19
N THR A 329 -7.99 7.64 -9.51
CA THR A 329 -6.78 7.15 -10.19
C THR A 329 -6.42 5.77 -9.61
N GLU A 330 -5.94 4.89 -10.47
CA GLU A 330 -5.27 3.69 -10.04
C GLU A 330 -4.10 3.49 -10.98
N GLN A 331 -3.02 2.96 -10.45
CA GLN A 331 -1.80 2.79 -11.21
C GLN A 331 -1.84 1.59 -12.11
N SER A 332 -1.31 1.70 -13.34
CA SER A 332 -1.00 0.49 -14.10
C SER A 332 0.16 -0.20 -13.41
N LEU A 333 0.14 -1.53 -13.42
CA LEU A 333 1.19 -2.33 -12.81
C LEU A 333 1.62 -3.43 -13.78
N VAL A 334 2.92 -3.47 -14.09
CA VAL A 334 3.51 -4.54 -14.87
C VAL A 334 4.43 -5.35 -13.96
N PHE A 335 4.47 -6.65 -14.22
CA PHE A 335 5.22 -7.61 -13.40
C PHE A 335 5.88 -8.68 -14.25
N CYS A 336 7.06 -9.08 -13.81
CA CYS A 336 7.65 -10.35 -14.22
C CYS A 336 8.62 -10.80 -13.15
N GLN A 337 9.12 -12.02 -13.29
CA GLN A 337 10.30 -12.45 -12.55
C GLN A 337 11.39 -12.86 -13.51
N THR A 338 12.64 -12.76 -13.05
CA THR A 338 13.82 -13.19 -13.84
C THR A 338 14.61 -14.25 -13.09
N VAL A 339 15.41 -15.00 -13.86
CA VAL A 339 16.38 -15.99 -13.35
C VAL A 339 17.77 -15.43 -13.63
N MET A 340 18.55 -15.25 -12.56
CA MET A 340 19.82 -14.53 -12.61
C MET A 340 20.71 -15.08 -13.70
N SER A 341 21.38 -14.17 -14.43
CA SER A 341 22.29 -14.60 -15.49
C SER A 341 23.49 -15.38 -15.01
N THR A 342 23.96 -16.25 -15.89
CA THR A 342 25.19 -16.99 -15.63
C THR A 342 26.32 -16.01 -15.37
N GLU A 343 26.34 -14.94 -16.14
CA GLU A 343 27.42 -13.95 -15.98
C GLU A 343 27.40 -13.36 -14.56
N LEU A 344 26.22 -13.03 -14.05
CA LEU A 344 26.14 -12.48 -12.69
C LEU A 344 26.48 -13.50 -11.63
N ILE A 345 26.04 -14.75 -11.79
CA ILE A 345 26.38 -15.77 -10.83
C ILE A 345 27.89 -15.98 -10.80
N ASP A 346 28.54 -16.07 -11.96
CA ASP A 346 29.98 -16.23 -12.00
C ASP A 346 30.66 -15.02 -11.35
N SER A 347 30.09 -13.83 -11.51
CA SER A 347 30.67 -12.61 -10.92
C SER A 347 30.74 -12.71 -9.41
N VAL A 348 29.79 -13.42 -8.77
CA VAL A 348 29.81 -13.55 -7.32
C VAL A 348 31.12 -14.14 -6.84
N LYS A 349 31.66 -15.08 -7.60
CA LYS A 349 32.88 -15.82 -7.20
C LYS A 349 34.09 -15.39 -8.01
N SER A 350 34.10 -14.19 -8.58
CA SER A 350 35.17 -13.78 -9.49
C SER A 350 36.53 -13.67 -8.83
N ASP A 351 36.56 -13.42 -7.52
CA ASP A 351 37.82 -13.29 -6.77
C ASP A 351 38.39 -14.65 -6.29
N MET A 352 37.66 -15.73 -6.51
CA MET A 352 38.04 -17.05 -6.01
C MET A 352 38.94 -17.76 -6.98
N THR A 353 39.92 -18.47 -6.42
CA THR A 353 40.69 -19.47 -7.14
C THR A 353 40.03 -20.80 -6.80
N ILE A 354 39.49 -21.47 -7.81
CA ILE A 354 38.77 -22.74 -7.66
C ILE A 354 39.52 -23.84 -8.39
N ARG A 355 39.88 -24.91 -7.66
CA ARG A 355 40.66 -25.98 -8.23
C ARG A 355 39.99 -27.30 -7.89
N GLY A 356 39.99 -28.23 -8.84
CA GLY A 356 39.38 -29.53 -8.62
C GLY A 356 37.88 -29.56 -8.82
N THR A 357 37.29 -30.67 -8.41
CA THR A 357 35.87 -30.93 -8.65
C THR A 357 35.13 -30.94 -7.31
N PRO A 358 33.99 -30.23 -7.20
CA PRO A 358 33.26 -30.31 -5.93
C PRO A 358 32.99 -31.73 -5.46
N GLY A 359 33.22 -31.95 -4.17
CA GLY A 359 32.95 -33.24 -3.55
C GLY A 359 34.14 -34.16 -3.56
N GLU A 360 35.19 -33.79 -4.29
CA GLU A 360 36.38 -34.61 -4.38
C GLU A 360 37.46 -34.14 -3.41
N LEU A 361 38.39 -35.05 -3.12
CA LEU A 361 39.38 -34.87 -2.05
C LEU A 361 40.18 -33.59 -2.21
N THR A 362 40.46 -33.23 -3.46
CA THR A 362 41.41 -32.21 -3.77
C THR A 362 40.78 -30.85 -4.09
N TYR A 363 39.46 -30.75 -3.99
CA TYR A 363 38.76 -29.51 -4.29
C TYR A 363 39.08 -28.39 -3.34
N SER A 364 39.32 -27.18 -3.87
CA SER A 364 39.47 -26.02 -3.00
C SER A 364 39.00 -24.74 -3.63
N VAL A 365 38.57 -23.85 -2.76
CA VAL A 365 38.11 -22.51 -3.09
C VAL A 365 38.83 -21.57 -2.14
N THR A 366 39.64 -20.67 -2.69
CA THR A 366 40.42 -19.72 -1.88
C THR A 366 40.31 -18.32 -2.46
N TYR A 367 40.59 -17.33 -1.62
CA TYR A 367 40.76 -15.93 -2.09
C TYR A 367 41.85 -15.30 -1.27
N THR A 368 42.36 -14.18 -1.79
CA THR A 368 43.37 -13.44 -1.12
C THR A 368 42.79 -12.24 -0.40
N PRO A 369 42.68 -12.29 0.94
CA PRO A 369 42.11 -11.17 1.68
C PRO A 369 42.82 -9.89 1.42
N GLY A 370 42.05 -8.87 1.05
CA GLY A 370 42.58 -7.53 0.91
C GLY A 370 43.31 -7.20 -0.39
N ALA A 371 43.32 -8.11 -1.35
CA ALA A 371 43.99 -7.92 -2.62
C ALA A 371 43.32 -6.82 -3.42
N SER A 372 44.14 -6.01 -4.10
CA SER A 372 43.63 -4.87 -4.89
C SER A 372 42.86 -5.26 -6.16
N THR A 373 43.21 -6.41 -6.73
CA THR A 373 42.55 -6.96 -7.90
C THR A 373 41.15 -7.52 -7.56
N ASN A 374 40.85 -7.72 -6.28
CA ASN A 374 39.54 -8.24 -5.88
C ASN A 374 38.43 -7.25 -6.22
N LYS A 375 37.34 -7.78 -6.73
CA LYS A 375 36.16 -6.93 -7.03
C LYS A 375 35.24 -6.77 -5.83
N HIS A 376 35.41 -7.62 -4.83
CA HIS A 376 34.54 -7.61 -3.66
C HIS A 376 35.35 -7.47 -2.38
N PRO A 377 34.72 -6.93 -1.32
CA PRO A 377 35.33 -6.84 -0.01
C PRO A 377 35.43 -8.21 0.65
N ASP A 378 36.21 -8.28 1.73
CA ASP A 378 36.41 -9.56 2.41
C ASP A 378 35.15 -10.19 2.97
N TRP A 379 34.24 -9.38 3.51
CA TRP A 379 33.01 -9.94 4.08
C TRP A 379 32.28 -10.78 3.03
N TRP A 380 32.27 -10.28 1.81
CA TRP A 380 31.64 -11.00 0.67
C TRP A 380 32.36 -12.27 0.32
N ASN A 381 33.67 -12.16 0.12
CA ASN A 381 34.46 -13.33 -0.25
C ASN A 381 34.50 -14.41 0.85
N GLU A 382 34.48 -14.00 2.11
CA GLU A 382 34.39 -15.00 3.23
C GLU A 382 33.08 -15.78 3.14
N LYS A 383 31.98 -15.05 2.93
CA LYS A 383 30.68 -15.73 2.82
C LYS A 383 30.67 -16.72 1.67
N VAL A 384 31.20 -16.29 0.52
CA VAL A 384 31.18 -17.11 -0.68
C VAL A 384 32.08 -18.35 -0.50
N LYS A 385 33.30 -18.12 -0.03
CA LYS A 385 34.25 -19.25 0.22
C LYS A 385 33.63 -20.27 1.16
N ASN A 386 33.12 -19.80 2.29
CA ASN A 386 32.59 -20.76 3.27
C ASN A 386 31.40 -21.50 2.70
N HIS A 387 30.54 -20.80 1.97
CA HIS A 387 29.40 -21.50 1.38
C HIS A 387 29.89 -22.57 0.39
N MET A 388 30.81 -22.19 -0.50
CA MET A 388 31.32 -23.10 -1.54
C MET A 388 32.06 -24.30 -0.96
N MET A 389 32.80 -24.09 0.12
CA MET A 389 33.53 -25.21 0.73
C MET A 389 32.70 -26.09 1.64
N GLN A 390 31.77 -25.49 2.37
CA GLN A 390 30.92 -26.24 3.30
C GLN A 390 29.72 -26.94 2.64
N HIS A 391 29.31 -26.45 1.48
CA HIS A 391 28.20 -26.99 0.75
C HIS A 391 28.57 -27.34 -0.67
N GLN A 392 29.44 -28.34 -0.79
CA GLN A 392 29.96 -28.70 -2.11
C GLN A 392 28.91 -29.41 -2.95
N GLU A 393 27.80 -29.81 -2.32
CA GLU A 393 26.67 -30.35 -3.04
C GLU A 393 25.85 -29.26 -3.74
N ASP A 394 26.08 -28.02 -3.35
CA ASP A 394 25.28 -26.91 -3.87
C ASP A 394 26.06 -26.24 -4.99
N PRO A 395 25.44 -26.03 -6.15
CA PRO A 395 26.17 -25.45 -7.28
C PRO A 395 26.21 -23.94 -7.35
N LEU A 396 25.64 -23.21 -6.38
CA LEU A 396 25.60 -21.74 -6.43
C LEU A 396 26.53 -21.16 -5.37
N PRO A 397 27.09 -19.97 -5.64
CA PRO A 397 28.04 -19.34 -4.72
C PRO A 397 27.37 -18.43 -3.69
N ILE A 398 26.02 -18.31 -3.76
CA ILE A 398 25.27 -17.43 -2.87
C ILE A 398 24.88 -18.21 -1.60
N PRO A 399 25.20 -17.68 -0.40
CA PRO A 399 24.75 -18.34 0.83
C PRO A 399 23.23 -18.59 0.89
N PHE A 400 22.83 -19.71 1.49
CA PHE A 400 21.42 -20.04 1.59
C PHE A 400 20.57 -18.98 2.26
N GLU A 401 21.08 -18.34 3.32
CA GLU A 401 20.27 -17.37 4.06
C GLU A 401 20.46 -15.92 3.58
N ASP A 402 21.04 -15.77 2.41
CA ASP A 402 21.30 -14.42 1.87
C ASP A 402 19.99 -13.66 1.76
N PRO A 403 19.87 -12.42 2.32
CA PRO A 403 18.61 -11.66 2.18
C PRO A 403 18.26 -11.29 0.74
N GLU A 404 17.00 -10.93 0.53
CA GLU A 404 16.51 -10.67 -0.80
C GLU A 404 16.96 -9.31 -1.30
N PRO A 405 16.98 -9.14 -2.62
CA PRO A 405 17.22 -7.84 -3.22
C PRO A 405 16.06 -6.88 -2.91
N GLN A 406 16.38 -5.59 -2.81
CA GLN A 406 15.39 -4.55 -2.52
C GLN A 406 15.81 -3.27 -3.26
N VAL A 407 15.67 -3.28 -4.59
CA VAL A 407 16.27 -2.26 -5.45
C VAL A 407 15.23 -1.40 -6.14
N THR A 408 15.53 -0.12 -6.29
CA THR A 408 14.70 0.80 -7.09
C THR A 408 15.53 1.81 -7.84
N THR A 409 15.05 2.21 -9.01
CA THR A 409 15.30 3.53 -9.55
C THR A 409 14.00 4.31 -9.48
N LEU A 410 14.01 5.42 -8.76
CA LEU A 410 12.79 6.17 -8.50
C LEU A 410 12.30 6.92 -9.75
N PHE A 411 11.00 7.17 -9.77
CA PHE A 411 10.33 7.94 -10.80
C PHE A 411 11.14 9.18 -11.17
N GLN A 412 11.31 9.41 -12.47
CA GLN A 412 11.86 10.66 -12.97
C GLN A 412 11.15 11.08 -14.23
N PRO A 413 11.29 12.37 -14.61
CA PRO A 413 10.67 12.78 -15.84
C PRO A 413 10.92 11.91 -17.05
N SER A 414 12.14 11.41 -17.19
CA SER A 414 12.51 10.63 -18.35
C SER A 414 11.97 9.23 -18.29
N HIS A 415 11.66 8.78 -17.07
CA HIS A 415 11.17 7.44 -16.78
C HIS A 415 10.07 7.52 -15.73
N PRO A 416 8.88 8.00 -16.15
CA PRO A 416 7.83 8.38 -15.18
C PRO A 416 7.02 7.20 -14.65
N TRP A 417 7.70 6.34 -13.93
CA TRP A 417 7.12 5.19 -13.27
C TRP A 417 8.02 4.87 -12.07
N HIS A 418 7.40 4.31 -11.04
CA HIS A 418 8.18 3.76 -9.94
C HIS A 418 8.61 2.33 -10.28
N THR A 419 9.72 1.89 -9.69
CA THR A 419 10.21 0.54 -9.92
C THR A 419 10.56 -0.13 -8.63
N GLN A 420 10.31 -1.45 -8.58
CA GLN A 420 10.77 -2.29 -7.48
C GLN A 420 11.34 -3.56 -8.09
N ILE A 421 12.57 -3.87 -7.66
CA ILE A 421 13.39 -4.94 -8.23
C ILE A 421 13.81 -5.73 -6.98
N HIS A 422 13.06 -6.77 -6.64
CA HIS A 422 12.94 -7.17 -5.24
C HIS A 422 12.39 -8.56 -5.10
N ARG A 423 12.12 -8.98 -3.88
CA ARG A 423 11.31 -10.17 -3.65
C ARG A 423 10.13 -9.81 -2.76
N ASP A 424 8.92 -9.92 -3.31
CA ASP A 424 7.66 -9.54 -2.63
C ASP A 424 7.01 -10.77 -2.11
N ALA A 425 6.39 -10.73 -0.92
CA ALA A 425 5.59 -11.86 -0.44
C ALA A 425 4.41 -12.22 -1.31
N PHE A 426 3.84 -11.25 -2.03
CA PHE A 426 2.74 -11.58 -2.95
C PHE A 426 3.26 -12.52 -4.07
N SER A 427 2.33 -13.15 -4.77
CA SER A 427 2.58 -14.16 -5.84
C SER A 427 3.81 -15.09 -5.71
N TYR A 428 3.96 -15.67 -4.53
CA TYR A 428 4.57 -16.98 -4.44
C TYR A 428 3.61 -18.00 -5.06
N GLY A 429 2.33 -17.91 -4.75
CA GLY A 429 1.34 -18.85 -5.30
C GLY A 429 1.04 -20.12 -4.49
N ALA A 430 1.39 -21.29 -5.03
CA ALA A 430 0.82 -22.55 -4.54
C ALA A 430 1.77 -23.76 -4.57
N VAL A 431 2.54 -23.89 -5.65
CA VAL A 431 3.50 -24.97 -5.82
C VAL A 431 4.88 -24.43 -5.47
N GLN A 432 5.79 -25.31 -5.04
CA GLN A 432 7.18 -24.95 -4.79
C GLN A 432 7.83 -24.51 -6.10
N GLN A 433 8.75 -23.54 -6.04
CA GLN A 433 9.56 -23.17 -7.21
C GLN A 433 10.51 -24.35 -7.58
N SER A 434 10.60 -24.73 -8.86
CA SER A 434 11.60 -25.66 -9.37
C SER A 434 13.00 -24.98 -9.54
N ILE A 435 12.96 -23.69 -9.81
CA ILE A 435 14.18 -22.89 -9.97
C ILE A 435 14.60 -22.41 -8.59
N ASP A 436 15.90 -22.47 -8.29
CA ASP A 436 16.40 -22.08 -6.98
C ASP A 436 16.02 -20.63 -6.67
N SER A 437 15.46 -20.40 -5.49
CA SER A 437 15.00 -19.11 -5.08
C SER A 437 16.07 -18.01 -5.12
N ARG A 438 17.33 -18.37 -4.91
CA ARG A 438 18.43 -17.39 -4.88
C ARG A 438 18.59 -16.75 -6.25
N LEU A 439 18.11 -17.42 -7.29
CA LEU A 439 18.22 -16.89 -8.66
C LEU A 439 17.10 -15.91 -9.04
N ILE A 440 16.02 -15.91 -8.26
CA ILE A 440 14.75 -15.28 -8.72
C ILE A 440 14.67 -13.86 -8.20
N VAL A 441 14.28 -12.96 -9.09
CA VAL A 441 14.09 -11.52 -8.76
C VAL A 441 12.75 -11.10 -9.33
N ASP A 442 11.96 -10.40 -8.52
CA ASP A 442 10.69 -9.85 -8.98
C ASP A 442 10.89 -8.45 -9.56
N TRP A 443 10.10 -8.09 -10.57
CA TRP A 443 10.11 -6.77 -11.20
C TRP A 443 8.66 -6.26 -11.14
N ARG A 444 8.48 -5.08 -10.55
CA ARG A 444 7.18 -4.42 -10.50
C ARG A 444 7.38 -2.98 -10.88
N PHE A 445 6.80 -2.56 -12.01
CA PHE A 445 6.88 -1.16 -12.40
C PHE A 445 5.46 -0.59 -12.31
N PHE A 446 5.34 0.63 -11.77
CA PHE A 446 4.08 1.24 -11.39
C PHE A 446 3.91 2.57 -12.14
N GLY A 447 2.86 2.66 -12.94
CA GLY A 447 2.60 3.85 -13.71
C GLY A 447 1.79 4.89 -12.98
N ARG A 448 1.83 6.12 -13.51
CA ARG A 448 0.96 7.21 -13.00
C ARG A 448 -0.26 7.37 -13.89
N THR A 449 -1.41 7.63 -13.29
CA THR A 449 -2.64 7.76 -14.04
C THR A 449 -3.22 9.17 -13.90
N GLU A 450 -3.44 9.79 -15.04
CA GLU A 450 -4.07 11.09 -15.11
C GLU A 450 -5.44 11.07 -14.46
N PRO A 451 -5.75 12.07 -13.59
CA PRO A 451 -7.12 12.19 -13.07
C PRO A 451 -8.08 12.71 -14.11
N LYS A 452 -9.14 11.96 -14.30
CA LYS A 452 -10.18 12.31 -15.29
C LYS A 452 -11.55 12.20 -14.64
N GLU A 453 -12.40 13.19 -14.92
CA GLU A 453 -13.69 13.27 -14.29
C GLU A 453 -14.54 12.01 -14.52
N GLU A 454 -14.41 11.44 -15.73
CA GLU A 454 -15.20 10.27 -16.13
C GLU A 454 -14.89 8.99 -15.38
N ASN A 455 -13.71 8.94 -14.75
CA ASN A 455 -13.28 7.77 -13.96
C ASN A 455 -13.86 7.91 -12.54
N LYS A 456 -14.80 7.02 -12.22
CA LYS A 456 -15.60 7.12 -11.04
C LYS A 456 -15.68 5.90 -10.18
N LEU A 457 -15.86 6.17 -8.88
CA LEU A 457 -16.30 5.19 -7.90
C LEU A 457 -17.67 5.65 -7.43
N TRP A 458 -18.71 4.84 -7.66
CA TRP A 458 -20.06 5.17 -7.24
C TRP A 458 -20.69 4.03 -6.48
N PHE A 459 -21.85 4.28 -5.87
CA PHE A 459 -22.45 3.35 -4.95
C PHE A 459 -23.92 3.14 -5.33
N SER A 460 -24.31 1.86 -5.41
CA SER A 460 -25.64 1.50 -5.86
C SER A 460 -26.70 2.03 -4.90
N ASP A 461 -27.87 2.42 -5.43
CA ASP A 461 -28.99 2.78 -4.57
C ASP A 461 -29.91 1.59 -4.29
N LYS A 462 -29.54 0.39 -4.75
CA LYS A 462 -30.35 -0.79 -4.50
C LYS A 462 -29.55 -1.95 -3.95
N ILE A 463 -28.39 -2.19 -4.55
CA ILE A 463 -27.56 -3.32 -4.21
C ILE A 463 -26.71 -2.92 -2.99
N THR A 464 -26.57 -3.84 -2.04
CA THR A 464 -25.80 -3.64 -0.82
C THR A 464 -24.71 -4.70 -0.70
N ASP A 465 -23.66 -4.33 0.04
CA ASP A 465 -22.53 -5.21 0.28
C ASP A 465 -22.80 -6.07 1.52
N ALA A 466 -21.78 -6.80 1.95
CA ALA A 466 -21.93 -7.73 3.09
C ALA A 466 -22.25 -7.05 4.44
N TYR A 467 -21.99 -5.75 4.54
CA TYR A 467 -22.32 -4.96 5.73
C TYR A 467 -23.55 -4.07 5.51
N ASN A 468 -24.35 -4.42 4.51
CA ASN A 468 -25.63 -3.77 4.26
C ASN A 468 -25.44 -2.29 3.92
N MET A 469 -24.29 -1.97 3.33
CA MET A 469 -23.95 -0.61 2.90
C MET A 469 -24.02 -0.55 1.36
N PRO A 470 -24.24 0.64 0.80
CA PRO A 470 -24.39 0.74 -0.65
C PRO A 470 -23.20 0.15 -1.42
N GLN A 471 -23.50 -0.73 -2.38
CA GLN A 471 -22.47 -1.51 -3.06
C GLN A 471 -21.57 -0.64 -3.94
N PRO A 472 -20.26 -0.70 -3.72
CA PRO A 472 -19.36 0.05 -4.61
C PRO A 472 -19.34 -0.48 -6.04
N THR A 473 -19.24 0.43 -6.99
CA THR A 473 -19.18 0.09 -8.41
C THR A 473 -18.17 1.01 -9.04
N PHE A 474 -17.32 0.46 -9.91
CA PHE A 474 -16.33 1.28 -10.62
C PHE A 474 -16.83 1.56 -12.04
N ASP A 475 -16.47 2.75 -12.54
CA ASP A 475 -16.55 3.06 -13.96
C ASP A 475 -15.21 3.64 -14.31
N PHE A 476 -14.31 2.78 -14.77
CA PHE A 476 -12.90 3.13 -14.92
C PHE A 476 -12.32 2.57 -16.20
N ARG A 477 -11.56 3.40 -16.90
CA ARG A 477 -10.64 2.94 -17.93
C ARG A 477 -9.36 3.74 -17.79
N PHE A 478 -8.23 3.14 -18.09
CA PHE A 478 -7.00 3.95 -18.07
C PHE A 478 -7.13 5.01 -19.16
N PRO A 479 -6.90 6.29 -18.81
CA PRO A 479 -7.04 7.30 -19.86
C PRO A 479 -6.20 7.10 -21.12
N ALA A 480 -6.75 7.39 -22.30
CA ALA A 480 -6.14 6.98 -23.61
C ALA A 480 -4.86 7.55 -24.11
N GLY A 481 -4.54 8.76 -23.62
CA GLY A 481 -3.37 9.52 -24.04
C GLY A 481 -2.11 9.22 -23.23
N ARG A 482 -1.56 10.23 -22.54
CA ARG A 482 -0.31 10.07 -21.82
C ARG A 482 -0.31 8.82 -20.92
N THR A 483 -1.40 8.61 -20.19
CA THR A 483 -1.39 7.48 -19.23
C THR A 483 -1.09 6.19 -19.98
N SER A 484 -1.79 6.02 -21.10
CA SER A 484 -1.66 4.74 -21.83
C SER A 484 -0.32 4.60 -22.52
N LYS A 485 0.14 5.70 -23.15
CA LYS A 485 1.47 5.70 -23.80
C LYS A 485 2.52 5.34 -22.77
N GLU A 486 2.47 6.01 -21.61
CA GLU A 486 3.48 5.75 -20.56
C GLU A 486 3.39 4.31 -20.06
N ALA A 487 2.17 3.80 -19.93
CA ALA A 487 2.02 2.42 -19.39
C ALA A 487 2.72 1.41 -20.31
N GLU A 488 2.57 1.59 -21.61
CA GLU A 488 3.18 0.69 -22.53
C GLU A 488 4.68 0.94 -22.58
N ASP A 489 5.12 2.21 -22.52
CA ASP A 489 6.54 2.48 -22.44
C ASP A 489 7.20 1.88 -21.16
N MET A 490 6.41 1.86 -20.10
CA MET A 490 6.83 1.28 -18.83
C MET A 490 7.07 -0.21 -18.97
N MET A 491 6.11 -0.90 -19.62
CA MET A 491 6.29 -2.31 -19.92
C MET A 491 7.59 -2.56 -20.66
N THR A 492 7.82 -1.77 -21.73
CA THR A 492 9.03 -1.92 -22.49
C THR A 492 10.24 -1.74 -21.61
N ASP A 493 10.23 -0.68 -20.79
CA ASP A 493 11.36 -0.39 -19.89
C ASP A 493 11.65 -1.57 -18.96
N MET A 494 10.64 -2.23 -18.44
CA MET A 494 10.86 -3.39 -17.59
C MET A 494 11.50 -4.53 -18.38
N CYS A 495 11.02 -4.72 -19.62
CA CYS A 495 11.60 -5.75 -20.48
C CYS A 495 13.09 -5.48 -20.75
N VAL A 496 13.42 -4.23 -21.04
CA VAL A 496 14.79 -3.86 -21.36
C VAL A 496 15.68 -3.96 -20.11
N MET A 497 15.20 -3.41 -19.00
CA MET A 497 16.03 -3.32 -17.79
C MET A 497 16.22 -4.74 -17.23
N SER A 498 15.16 -5.54 -17.15
CA SER A 498 15.27 -6.85 -16.56
C SER A 498 16.26 -7.73 -17.30
N ALA A 499 16.35 -7.57 -18.60
CA ALA A 499 17.26 -8.34 -19.44
C ALA A 499 18.71 -8.22 -19.01
N LYS A 500 19.04 -7.12 -18.35
CA LYS A 500 20.41 -6.90 -17.89
C LYS A 500 20.77 -7.81 -16.73
N ILE A 501 19.75 -8.31 -16.06
CA ILE A 501 19.87 -9.20 -14.90
C ILE A 501 19.71 -10.70 -15.23
N GLY A 502 18.73 -11.02 -16.06
CA GLY A 502 18.56 -12.37 -16.52
C GLY A 502 17.34 -12.45 -17.37
N GLY A 503 17.09 -13.63 -17.94
CA GLY A 503 15.85 -13.85 -18.70
C GLY A 503 14.65 -14.02 -17.80
N PHE A 504 13.47 -13.90 -18.39
CA PHE A 504 12.23 -14.12 -17.64
C PHE A 504 12.14 -15.55 -17.13
N LEU A 505 11.52 -15.69 -15.96
CA LEU A 505 11.19 -16.97 -15.37
C LEU A 505 9.90 -17.50 -16.02
N PRO A 506 9.99 -18.69 -16.62
CA PRO A 506 8.76 -19.23 -17.17
C PRO A 506 7.63 -19.27 -16.14
N GLY A 507 6.43 -18.94 -16.56
CA GLY A 507 5.31 -18.76 -15.68
C GLY A 507 5.16 -17.42 -14.96
N SER A 508 6.16 -16.54 -15.12
CA SER A 508 6.14 -15.19 -14.59
C SER A 508 6.66 -14.25 -15.68
N LEU A 509 6.05 -14.39 -16.86
CA LEU A 509 6.43 -13.60 -18.03
C LEU A 509 5.86 -12.18 -17.90
N PRO A 510 6.42 -11.22 -18.64
CA PRO A 510 5.97 -9.80 -18.50
C PRO A 510 4.49 -9.64 -18.80
N GLN A 511 3.78 -8.98 -17.88
CA GLN A 511 2.35 -8.86 -18.01
C GLN A 511 1.84 -7.66 -17.23
N PHE A 512 0.73 -7.12 -17.68
CA PHE A 512 -0.06 -6.17 -16.89
C PHE A 512 -0.84 -6.95 -15.87
N MET A 513 -0.86 -6.47 -14.64
CA MET A 513 -1.71 -7.09 -13.63
C MET A 513 -3.15 -6.58 -13.69
N GLU A 514 -4.07 -7.39 -13.18
CA GLU A 514 -5.49 -7.02 -13.18
C GLU A 514 -5.66 -5.60 -12.63
N PRO A 515 -6.51 -4.80 -13.27
CA PRO A 515 -6.62 -3.43 -12.82
C PRO A 515 -7.00 -3.33 -11.36
N GLY A 516 -6.19 -2.57 -10.59
CA GLY A 516 -6.51 -2.43 -9.18
C GLY A 516 -5.89 -3.43 -8.22
N LEU A 517 -5.30 -4.49 -8.75
CA LEU A 517 -4.63 -5.48 -7.89
C LEU A 517 -3.48 -4.82 -7.09
N VAL A 518 -2.91 -3.76 -7.67
CA VAL A 518 -1.85 -2.96 -7.07
C VAL A 518 -2.28 -2.23 -5.80
N LEU A 519 -3.58 -1.95 -5.64
CA LEU A 519 -4.12 -1.36 -4.42
C LEU A 519 -3.50 -0.02 -4.09
N HIS A 520 -3.42 0.84 -5.11
CA HIS A 520 -2.86 2.20 -4.97
C HIS A 520 -3.87 3.27 -5.42
N LEU A 521 -5.16 2.94 -5.27
CA LEU A 521 -6.24 3.82 -5.63
C LEU A 521 -6.17 5.16 -4.91
N GLY A 522 -6.35 6.23 -5.68
CA GLY A 522 -6.31 7.56 -5.12
C GLY A 522 -7.40 8.42 -5.70
N GLY A 523 -7.49 9.63 -5.16
CA GLY A 523 -8.33 10.67 -5.77
C GLY A 523 -9.83 10.54 -5.59
N THR A 524 -10.28 9.58 -4.77
CA THR A 524 -11.69 9.35 -4.52
C THR A 524 -12.35 10.45 -3.70
N HIS A 525 -11.54 11.17 -2.94
CA HIS A 525 -12.01 12.30 -2.14
C HIS A 525 -10.93 13.39 -2.10
N ARG A 526 -10.61 13.87 -3.28
CA ARG A 526 -9.30 14.48 -3.52
C ARG A 526 -9.12 15.89 -2.95
N MET A 527 -7.84 16.22 -2.73
CA MET A 527 -7.42 17.50 -2.14
C MET A 527 -7.17 18.55 -3.20
N GLY A 528 -7.44 19.81 -2.82
CA GLY A 528 -6.97 20.94 -3.62
C GLY A 528 -7.16 22.22 -2.86
N PHE A 529 -6.83 23.34 -3.47
CA PHE A 529 -6.97 24.62 -2.78
C PHE A 529 -8.41 25.17 -2.82
N ASP A 530 -9.10 24.95 -3.93
CA ASP A 530 -10.43 25.53 -4.14
C ASP A 530 -11.37 24.45 -4.66
N GLU A 531 -12.49 24.26 -3.97
CA GLU A 531 -13.41 23.17 -4.31
C GLU A 531 -13.78 23.14 -5.79
N LYS A 532 -14.14 24.30 -6.32
CA LYS A 532 -14.61 24.38 -7.70
C LYS A 532 -13.45 24.39 -8.68
N GLU A 533 -12.49 25.28 -8.48
CA GLU A 533 -11.37 25.42 -9.45
C GLU A 533 -10.53 24.17 -9.60
N ASP A 534 -10.29 23.50 -8.47
CA ASP A 534 -9.45 22.29 -8.43
C ASP A 534 -10.26 20.98 -8.39
N ASN A 535 -11.58 21.08 -8.53
CA ASN A 535 -12.45 19.91 -8.66
C ASN A 535 -12.18 18.91 -7.55
N CYS A 536 -12.35 19.36 -6.32
CA CYS A 536 -11.87 18.64 -5.17
C CYS A 536 -12.84 18.65 -3.98
N CYS A 537 -12.47 17.89 -2.94
CA CYS A 537 -13.33 17.62 -1.78
C CYS A 537 -12.77 18.07 -0.42
N VAL A 538 -11.44 18.08 -0.29
CA VAL A 538 -10.82 18.53 0.93
C VAL A 538 -9.78 19.58 0.59
N ASN A 539 -9.53 20.47 1.54
CA ASN A 539 -8.48 21.46 1.40
C ASN A 539 -7.12 20.92 1.85
N THR A 540 -6.08 21.77 1.91
CA THR A 540 -4.76 21.27 2.26
C THR A 540 -4.58 20.89 3.73
N ASP A 541 -5.57 21.18 4.57
CA ASP A 541 -5.61 20.66 5.94
C ASP A 541 -6.43 19.37 6.03
N SER A 542 -6.81 18.83 4.85
CA SER A 542 -7.67 17.66 4.73
C SER A 542 -9.06 17.85 5.34
N ARG A 543 -9.48 19.13 5.41
CA ARG A 543 -10.80 19.47 5.91
C ARG A 543 -11.78 19.47 4.74
N VAL A 544 -12.92 18.82 4.92
CA VAL A 544 -13.94 18.80 3.90
C VAL A 544 -14.51 20.23 3.73
N PHE A 545 -14.52 20.69 2.50
CA PHE A 545 -14.97 22.05 2.23
C PHE A 545 -16.30 22.32 2.86
N GLY A 546 -16.37 23.47 3.53
CA GLY A 546 -17.59 23.88 4.16
C GLY A 546 -17.79 23.42 5.59
N PHE A 547 -17.14 22.34 5.99
CA PHE A 547 -17.33 21.75 7.31
C PHE A 547 -16.22 22.14 8.28
N LYS A 548 -16.62 22.54 9.48
CA LYS A 548 -15.65 22.96 10.48
C LYS A 548 -14.85 21.80 11.05
N ASN A 549 -15.48 20.62 11.12
CA ASN A 549 -15.01 19.57 12.02
C ASN A 549 -14.94 18.19 11.40
N LEU A 550 -14.85 18.11 10.08
CA LEU A 550 -14.78 16.82 9.37
C LEU A 550 -13.52 16.81 8.53
N PHE A 551 -12.72 15.76 8.73
CA PHE A 551 -11.44 15.60 8.05
C PHE A 551 -11.40 14.22 7.44
N LEU A 552 -10.73 14.10 6.28
CA LEU A 552 -10.52 12.81 5.63
C LEU A 552 -9.05 12.56 5.54
N GLY A 553 -8.63 11.32 5.83
CA GLY A 553 -7.25 10.92 5.63
C GLY A 553 -7.14 9.67 4.74
N GLY A 554 -6.04 9.63 3.98
CA GLY A 554 -5.72 8.50 3.17
C GLY A 554 -5.40 8.83 1.73
N CYS A 555 -5.13 7.78 0.97
CA CYS A 555 -4.74 7.94 -0.42
C CYS A 555 -5.85 8.56 -1.29
N GLY A 556 -7.08 8.47 -0.84
CA GLY A 556 -8.17 9.11 -1.54
C GLY A 556 -8.00 10.64 -1.61
N ASN A 557 -7.19 11.22 -0.72
CA ASN A 557 -6.89 12.66 -0.77
C ASN A 557 -5.96 13.04 -1.91
N ILE A 558 -5.16 12.10 -2.43
CA ILE A 558 -4.08 12.47 -3.33
C ILE A 558 -4.72 12.74 -4.70
N PRO A 559 -4.55 13.97 -5.24
CA PRO A 559 -5.27 14.36 -6.46
C PRO A 559 -4.45 14.25 -7.76
N THR A 560 -3.18 13.92 -7.62
CA THR A 560 -2.24 13.91 -8.73
C THR A 560 -2.11 12.52 -9.36
N ALA A 561 -1.47 12.46 -10.53
CA ALA A 561 -1.04 11.23 -11.15
C ALA A 561 0.32 10.85 -10.52
N TYR A 562 0.31 9.74 -9.78
CA TYR A 562 1.52 9.29 -9.07
C TYR A 562 1.83 7.83 -9.37
N GLY A 563 3.13 7.51 -9.49
CA GLY A 563 3.57 6.11 -9.67
C GLY A 563 4.11 5.47 -8.41
N ALA A 564 4.75 6.25 -7.57
CA ALA A 564 5.32 5.72 -6.33
C ALA A 564 4.27 5.28 -5.36
N ASN A 565 4.66 4.51 -4.36
CA ASN A 565 3.68 3.95 -3.40
C ASN A 565 3.14 5.08 -2.54
N PRO A 566 1.81 5.22 -2.43
CA PRO A 566 1.25 6.46 -1.87
C PRO A 566 1.20 6.63 -0.34
N THR A 567 1.41 5.57 0.43
CA THR A 567 1.06 5.62 1.87
C THR A 567 1.87 6.71 2.64
N LEU A 568 3.17 6.83 2.39
CA LEU A 568 4.00 7.84 3.07
C LEU A 568 3.46 9.24 2.78
N THR A 569 3.07 9.50 1.55
CA THR A 569 2.47 10.80 1.15
C THR A 569 1.15 11.01 1.89
N ALA A 570 0.29 10.00 1.94
CA ALA A 570 -0.93 10.12 2.68
C ALA A 570 -0.68 10.40 4.17
N MET A 571 0.31 9.73 4.75
CA MET A 571 0.66 9.98 6.14
C MET A 571 1.11 11.41 6.34
N SER A 572 1.93 11.90 5.42
CA SER A 572 2.41 13.30 5.51
C SER A 572 1.24 14.29 5.50
N LEU A 573 0.27 14.06 4.62
CA LEU A 573 -0.93 14.90 4.60
C LEU A 573 -1.71 14.81 5.92
N ALA A 574 -1.76 13.63 6.52
CA ALA A 574 -2.44 13.45 7.79
C ALA A 574 -1.75 14.23 8.92
N ILE A 575 -0.41 14.24 8.91
CA ILE A 575 0.33 15.03 9.90
C ILE A 575 -0.04 16.48 9.79
N LYS A 576 -0.06 17.01 8.57
CA LYS A 576 -0.46 18.39 8.34
C LYS A 576 -1.88 18.67 8.86
N SER A 577 -2.79 17.74 8.58
CA SER A 577 -4.17 17.85 9.05
C SER A 577 -4.25 17.89 10.58
N CYS A 578 -3.48 17.06 11.25
CA CYS A 578 -3.41 17.08 12.71
C CYS A 578 -2.90 18.38 13.27
N GLU A 579 -1.96 19.00 12.55
CA GLU A 579 -1.49 20.33 12.96
C GLU A 579 -2.65 21.32 12.98
N TYR A 580 -3.44 21.30 11.92
CA TYR A 580 -4.62 22.14 11.86
C TYR A 580 -5.58 21.90 13.04
N ILE A 581 -5.83 20.63 13.34
CA ILE A 581 -6.73 20.28 14.43
C ILE A 581 -6.17 20.84 15.75
N LYS A 582 -4.88 20.66 15.99
CA LYS A 582 -4.23 21.16 17.21
C LYS A 582 -4.33 22.69 17.30
N GLN A 583 -4.30 23.36 16.14
CA GLN A 583 -4.39 24.80 16.11
C GLN A 583 -5.80 25.34 16.34
N ASN A 584 -6.82 24.48 16.26
CA ASN A 584 -8.19 24.97 16.16
C ASN A 584 -9.21 24.30 17.09
N PHE A 585 -8.83 23.26 17.82
CA PHE A 585 -9.71 22.59 18.77
C PHE A 585 -8.97 22.37 20.10
N THR A 586 -9.63 22.67 21.20
CA THR A 586 -9.02 22.51 22.52
C THR A 586 -9.38 21.14 23.08
N PRO A 587 -8.38 20.37 23.54
CA PRO A 587 -8.73 19.12 24.25
C PRO A 587 -9.57 19.35 25.50
N SER A 588 -10.40 18.38 25.85
CA SER A 588 -11.18 18.50 27.07
C SER A 588 -10.25 18.30 28.26
N PRO A 589 -10.58 18.89 29.42
CA PRO A 589 -9.88 18.57 30.66
C PRO A 589 -9.83 17.08 30.95
N PHE A 590 -8.65 16.60 31.33
CA PHE A 590 -8.48 15.22 31.78
C PHE A 590 -9.26 15.02 33.07
N THR A 591 -10.29 14.19 33.01
CA THR A 591 -11.25 14.05 34.13
C THR A 591 -11.88 12.65 34.10
#